data_8V8L
#
_entry.id   8V8L
#
_cell.length_a   139.090
_cell.length_b   46.521
_cell.length_c   59.054
_cell.angle_alpha   90.00
_cell.angle_beta   106.37
_cell.angle_gamma   90.00
#
_symmetry.space_group_name_H-M   'C 1 2 1'
#
loop_
_entity.id
_entity.type
_entity.pdbx_description
1 polymer 'Chalcone-flavonone isomerase family protein'
2 non-polymer GLYCEROL
3 water water
#
_entity_poly.entity_id   1
_entity_poly.type   'polypeptide(L)'
_entity_poly.pdbx_seq_one_letter_code
;MAAVSEVAVDGVVFPPVARPPGSGRSHFLAGAGVRGMEIGGNFIKFTAIGVYLEEGAAVSALAKKWAGKSADELAADAAF
FRDVVTGDFEKFTRVTMILPLTGEQYSGKVTENCVAYWKAVGVYTDAEGAAVDKFKEAFKPETFPPGASILFTHSPAGVL
TVAFSKDSSVPESGGVAIDNKPLCEAVLESIIGEHGVSPAAKLSVAARVSELLKEASPAGGAPQAAAEPAVPVSAEF
;
_entity_poly.pdbx_strand_id   A,B
#
# COMPACT_ATOMS: atom_id res chain seq x y z
N VAL A 4 -18.94 -10.10 -2.28
CA VAL A 4 -19.53 -9.74 -3.57
C VAL A 4 -19.81 -10.98 -4.40
N SER A 5 -20.57 -10.79 -5.47
CA SER A 5 -20.92 -11.90 -6.36
C SER A 5 -19.87 -12.05 -7.47
N GLU A 6 -19.85 -13.24 -8.07
CA GLU A 6 -19.05 -13.46 -9.27
C GLU A 6 -19.64 -12.67 -10.45
N VAL A 7 -18.83 -12.49 -11.49
CA VAL A 7 -19.27 -11.85 -12.72
C VAL A 7 -18.81 -12.72 -13.88
N ALA A 8 -19.74 -13.02 -14.79
CA ALA A 8 -19.44 -13.77 -16.00
C ALA A 8 -19.41 -12.80 -17.18
N VAL A 9 -18.39 -12.94 -18.03
CA VAL A 9 -18.18 -12.07 -19.18
C VAL A 9 -17.87 -12.99 -20.36
N ASP A 10 -18.86 -13.20 -21.23
CA ASP A 10 -18.70 -13.95 -22.47
C ASP A 10 -17.85 -15.21 -22.29
N GLY A 11 -18.30 -16.06 -21.36
CA GLY A 11 -17.69 -17.35 -21.14
C GLY A 11 -16.56 -17.36 -20.13
N VAL A 12 -16.14 -16.19 -19.67
CA VAL A 12 -15.09 -16.09 -18.66
C VAL A 12 -15.77 -15.81 -17.33
N VAL A 13 -15.51 -16.66 -16.35
CA VAL A 13 -16.06 -16.52 -15.00
C VAL A 13 -14.99 -15.91 -14.11
N PHE A 14 -15.32 -14.77 -13.50
CA PHE A 14 -14.44 -14.13 -12.52
C PHE A 14 -14.98 -14.39 -11.13
N PRO A 15 -14.23 -15.09 -10.27
CA PRO A 15 -14.68 -15.36 -8.92
C PRO A 15 -14.71 -14.08 -8.10
N PRO A 16 -15.46 -14.07 -7.00
CA PRO A 16 -15.59 -12.84 -6.21
C PRO A 16 -14.36 -12.46 -5.40
N VAL A 17 -13.38 -13.37 -5.25
CA VAL A 17 -12.15 -13.09 -4.51
C VAL A 17 -10.95 -13.51 -5.34
N ALA A 18 -9.83 -12.79 -5.15
CA ALA A 18 -8.57 -13.13 -5.80
C ALA A 18 -7.43 -12.84 -4.85
N ARG A 19 -6.38 -13.62 -4.96
CA ARG A 19 -5.16 -13.43 -4.19
C ARG A 19 -4.02 -13.28 -5.17
N PRO A 20 -3.48 -12.09 -5.34
CA PRO A 20 -2.40 -11.92 -6.31
C PRO A 20 -1.20 -12.75 -5.92
N PRO A 21 -0.47 -13.26 -6.91
CA PRO A 21 0.68 -14.12 -6.60
C PRO A 21 1.68 -13.41 -5.69
N GLY A 22 1.93 -14.03 -4.54
CA GLY A 22 3.00 -13.57 -3.67
C GLY A 22 2.81 -12.21 -3.04
N SER A 23 1.65 -11.55 -3.21
CA SER A 23 1.44 -10.28 -2.52
C SER A 23 0.98 -10.47 -1.08
N GLY A 24 0.33 -11.59 -0.75
CA GLY A 24 -0.14 -11.79 0.60
C GLY A 24 -1.41 -11.04 0.95
N ARG A 25 -2.02 -10.38 -0.02
CA ARG A 25 -3.28 -9.69 0.19
C ARG A 25 -4.41 -10.42 -0.53
N SER A 26 -5.63 -10.24 -0.01
CA SER A 26 -6.84 -10.70 -0.67
C SER A 26 -7.58 -9.52 -1.25
N HIS A 27 -8.26 -9.78 -2.37
CA HIS A 27 -9.00 -8.78 -3.10
C HIS A 27 -10.43 -9.25 -3.30
N PHE A 28 -11.32 -8.30 -3.56
CA PHE A 28 -12.67 -8.59 -4.00
C PHE A 28 -12.82 -8.11 -5.43
N LEU A 29 -13.72 -8.77 -6.16
CA LEU A 29 -14.02 -8.42 -7.55
C LEU A 29 -14.81 -7.11 -7.60
N ALA A 30 -14.13 -6.03 -8.02
CA ALA A 30 -14.82 -4.75 -8.15
C ALA A 30 -15.72 -4.74 -9.38
N GLY A 31 -15.27 -5.34 -10.48
CA GLY A 31 -16.08 -5.33 -11.67
C GLY A 31 -15.36 -6.06 -12.78
N ALA A 32 -16.12 -6.42 -13.80
CA ALA A 32 -15.53 -7.14 -14.92
C ALA A 32 -16.31 -6.76 -16.17
N GLY A 33 -15.64 -6.82 -17.32
CA GLY A 33 -16.30 -6.52 -18.58
C GLY A 33 -15.42 -6.88 -19.75
N VAL A 34 -16.06 -6.93 -20.92
CA VAL A 34 -15.35 -7.28 -22.13
C VAL A 34 -14.55 -6.09 -22.61
N ARG A 35 -13.50 -6.37 -23.37
CA ARG A 35 -12.66 -5.35 -24.00
C ARG A 35 -12.50 -5.71 -25.47
N GLY A 36 -12.75 -4.73 -26.35
CA GLY A 36 -12.64 -4.96 -27.77
C GLY A 36 -11.98 -3.79 -28.47
N MET A 37 -11.92 -3.91 -29.80
CA MET A 37 -11.40 -2.87 -30.68
C MET A 37 -12.33 -2.77 -31.87
N GLU A 38 -12.46 -1.57 -32.43
CA GLU A 38 -13.26 -1.41 -33.63
C GLU A 38 -12.47 -1.99 -34.81
N ILE A 39 -13.00 -3.05 -35.41
CA ILE A 39 -12.42 -3.66 -36.60
C ILE A 39 -13.50 -3.69 -37.66
N GLY A 40 -13.26 -3.03 -38.78
CA GLY A 40 -14.22 -3.05 -39.87
C GLY A 40 -15.51 -2.32 -39.61
N GLY A 41 -15.53 -1.38 -38.67
CA GLY A 41 -16.73 -0.67 -38.33
C GLY A 41 -17.57 -1.30 -37.24
N ASN A 42 -17.17 -2.46 -36.71
CA ASN A 42 -17.90 -3.14 -35.65
C ASN A 42 -17.00 -3.35 -34.44
N PHE A 43 -17.64 -3.59 -33.30
CA PHE A 43 -16.93 -3.91 -32.06
C PHE A 43 -16.61 -5.40 -32.04
N ILE A 44 -15.33 -5.72 -31.91
CA ILE A 44 -14.85 -7.11 -31.86
C ILE A 44 -14.30 -7.37 -30.47
N LYS A 45 -14.87 -8.35 -29.78
CA LYS A 45 -14.43 -8.69 -28.42
C LYS A 45 -13.12 -9.45 -28.47
N PHE A 46 -12.10 -8.98 -27.75
CA PHE A 46 -10.81 -9.65 -27.68
C PHE A 46 -10.52 -10.27 -26.33
N THR A 47 -10.83 -9.57 -25.24
CA THR A 47 -10.54 -10.09 -23.91
C THR A 47 -11.69 -9.82 -22.97
N ALA A 48 -11.72 -10.60 -21.90
CA ALA A 48 -12.55 -10.34 -20.73
C ALA A 48 -11.62 -9.88 -19.61
N ILE A 49 -12.01 -8.83 -18.91
CA ILE A 49 -11.14 -8.21 -17.91
C ILE A 49 -11.88 -8.12 -16.59
N GLY A 50 -11.23 -8.61 -15.53
CA GLY A 50 -11.73 -8.48 -14.17
C GLY A 50 -10.82 -7.57 -13.35
N VAL A 51 -11.45 -6.66 -12.62
CA VAL A 51 -10.74 -5.65 -11.85
C VAL A 51 -11.02 -5.94 -10.37
N TYR A 52 -9.97 -6.32 -9.66
CA TYR A 52 -10.02 -6.68 -8.25
C TYR A 52 -9.36 -5.58 -7.43
N LEU A 53 -9.91 -5.32 -6.24
CA LEU A 53 -9.37 -4.28 -5.38
C LEU A 53 -9.13 -4.86 -3.98
N GLU A 54 -8.17 -4.27 -3.28
CA GLU A 54 -7.75 -4.79 -1.99
C GLU A 54 -8.90 -4.80 -0.99
N GLU A 55 -9.13 -5.94 -0.35
CA GLU A 55 -10.19 -6.04 0.62
C GLU A 55 -9.93 -5.11 1.81
N GLY A 56 -11.00 -4.52 2.33
CA GLY A 56 -10.86 -3.60 3.44
C GLY A 56 -10.35 -2.23 3.03
N ALA A 57 -9.11 -2.19 2.53
CA ALA A 57 -8.43 -0.91 2.33
C ALA A 57 -9.04 -0.11 1.18
N ALA A 58 -9.48 -0.76 0.11
CA ALA A 58 -10.03 0.00 -1.01
C ALA A 58 -11.33 0.68 -0.61
N VAL A 59 -12.23 -0.06 0.02
CA VAL A 59 -13.50 0.50 0.47
C VAL A 59 -13.26 1.64 1.45
N SER A 60 -12.40 1.42 2.45
CA SER A 60 -12.15 2.48 3.43
C SER A 60 -11.60 3.73 2.75
N ALA A 61 -10.69 3.59 1.78
CA ALA A 61 -10.16 4.77 1.10
C ALA A 61 -11.21 5.44 0.23
N LEU A 62 -11.96 4.64 -0.54
CA LEU A 62 -12.90 5.21 -1.50
C LEU A 62 -14.12 5.79 -0.80
N ALA A 63 -14.49 5.25 0.36
CA ALA A 63 -15.71 5.71 1.03
C ALA A 63 -15.60 7.18 1.43
N LYS A 64 -14.38 7.67 1.62
CA LYS A 64 -14.19 9.01 2.17
C LYS A 64 -14.69 10.09 1.21
N LYS A 65 -14.52 9.86 -0.10
CA LYS A 65 -14.93 10.84 -1.09
C LYS A 65 -16.13 10.42 -1.94
N TRP A 66 -16.45 9.13 -1.97
CA TRP A 66 -17.47 8.62 -2.89
C TRP A 66 -18.63 7.92 -2.19
N ALA A 67 -18.64 7.86 -0.86
CA ALA A 67 -19.78 7.30 -0.17
C ALA A 67 -21.04 8.10 -0.48
N GLY A 68 -22.18 7.41 -0.52
CA GLY A 68 -23.43 8.09 -0.80
C GLY A 68 -23.59 8.51 -2.24
N LYS A 69 -22.96 7.81 -3.17
CA LYS A 69 -23.08 8.13 -4.59
C LYS A 69 -23.65 6.93 -5.33
N SER A 70 -24.45 7.20 -6.35
CA SER A 70 -25.12 6.12 -7.08
C SER A 70 -24.21 5.55 -8.15
N ALA A 71 -24.60 4.37 -8.66
CA ALA A 71 -23.88 3.73 -9.75
C ALA A 71 -23.72 4.70 -10.93
N ASP A 72 -24.83 5.35 -11.31
CA ASP A 72 -24.78 6.25 -12.45
C ASP A 72 -23.86 7.43 -12.19
N GLU A 73 -23.81 7.95 -10.97
CA GLU A 73 -22.95 9.10 -10.74
C GLU A 73 -21.48 8.68 -10.77
N LEU A 74 -21.15 7.54 -10.15
CA LEU A 74 -19.77 7.07 -10.20
C LEU A 74 -19.35 6.73 -11.63
N ALA A 75 -20.26 6.11 -12.40
CA ALA A 75 -19.90 5.74 -13.77
C ALA A 75 -19.57 6.96 -14.63
N ALA A 76 -20.22 8.08 -14.37
CA ALA A 76 -20.07 9.28 -15.19
C ALA A 76 -18.96 10.21 -14.70
N ASP A 77 -18.30 9.89 -13.59
CA ASP A 77 -17.30 10.78 -13.00
C ASP A 77 -15.90 10.20 -13.20
N ALA A 78 -15.13 10.82 -14.09
CA ALA A 78 -13.79 10.33 -14.37
C ALA A 78 -12.89 10.44 -13.16
N ALA A 79 -13.21 11.33 -12.21
CA ALA A 79 -12.37 11.47 -11.03
C ALA A 79 -12.50 10.26 -10.11
N PHE A 80 -13.62 9.55 -10.16
CA PHE A 80 -13.76 8.33 -9.38
C PHE A 80 -12.79 7.27 -9.88
N PHE A 81 -12.77 7.03 -11.19
CA PHE A 81 -11.88 6.02 -11.73
C PHE A 81 -10.42 6.42 -11.53
N ARG A 82 -10.11 7.72 -11.65
CA ARG A 82 -8.76 8.17 -11.34
C ARG A 82 -8.38 7.83 -9.91
N ASP A 83 -9.33 7.96 -8.96
CA ASP A 83 -9.04 7.61 -7.57
C ASP A 83 -8.80 6.12 -7.42
N VAL A 84 -9.55 5.30 -8.16
CA VAL A 84 -9.30 3.86 -8.14
C VAL A 84 -7.90 3.57 -8.64
N VAL A 85 -7.48 4.21 -9.75
CA VAL A 85 -6.18 3.91 -10.35
C VAL A 85 -5.05 4.26 -9.41
N THR A 86 -5.11 5.47 -8.82
CA THR A 86 -4.02 6.02 -8.02
C THR A 86 -4.16 5.70 -6.54
N GLY A 87 -5.10 4.84 -6.17
CA GLY A 87 -5.44 4.68 -4.77
C GLY A 87 -4.30 4.07 -3.96
N ASP A 88 -4.30 4.38 -2.66
CA ASP A 88 -3.32 3.87 -1.71
C ASP A 88 -3.71 2.47 -1.24
N PHE A 89 -3.80 1.55 -2.20
CA PHE A 89 -4.20 0.18 -1.92
C PHE A 89 -3.83 -0.64 -3.15
N GLU A 90 -3.82 -1.95 -2.97
CA GLU A 90 -3.45 -2.84 -4.06
C GLU A 90 -4.63 -3.00 -5.00
N LYS A 91 -4.31 -3.19 -6.29
CA LYS A 91 -5.31 -3.55 -7.28
C LYS A 91 -4.79 -4.78 -8.00
N PHE A 92 -5.69 -5.49 -8.67
CA PHE A 92 -5.28 -6.70 -9.36
C PHE A 92 -6.18 -6.87 -10.57
N THR A 93 -5.58 -6.99 -11.75
CA THR A 93 -6.33 -7.09 -13.00
C THR A 93 -6.05 -8.43 -13.65
N ARG A 94 -7.11 -9.12 -14.08
CA ARG A 94 -6.96 -10.36 -14.83
C ARG A 94 -7.51 -10.13 -16.22
N VAL A 95 -6.67 -10.29 -17.24
CA VAL A 95 -7.08 -10.15 -18.64
C VAL A 95 -7.11 -11.56 -19.21
N THR A 96 -8.29 -12.04 -19.60
CA THR A 96 -8.44 -13.41 -20.07
C THR A 96 -8.87 -13.40 -21.52
N MET A 97 -8.20 -14.21 -22.33
CA MET A 97 -8.29 -14.00 -23.77
C MET A 97 -9.61 -14.62 -24.26
N ILE A 98 -10.35 -13.86 -25.06
CA ILE A 98 -11.49 -14.39 -25.82
C ILE A 98 -11.05 -14.80 -27.22
N LEU A 99 -10.36 -13.90 -27.93
CA LEU A 99 -9.59 -14.18 -29.13
C LEU A 99 -8.11 -14.33 -28.79
N PRO A 100 -7.33 -15.00 -29.62
CA PRO A 100 -5.92 -15.24 -29.27
C PRO A 100 -5.04 -14.00 -29.48
N LEU A 101 -4.07 -13.85 -28.59
CA LEU A 101 -3.08 -12.77 -28.66
C LEU A 101 -1.69 -13.34 -28.42
N THR A 102 -0.68 -12.70 -29.03
CA THR A 102 0.71 -13.05 -28.76
C THR A 102 1.32 -11.98 -27.89
N GLY A 103 2.21 -12.40 -26.99
CA GLY A 103 2.80 -11.45 -26.05
C GLY A 103 3.49 -10.28 -26.73
N GLU A 104 4.17 -10.53 -27.85
CA GLU A 104 4.92 -9.46 -28.50
C GLU A 104 3.99 -8.35 -28.97
N GLN A 105 2.84 -8.72 -29.57
CA GLN A 105 1.91 -7.74 -30.10
C GLN A 105 1.13 -7.05 -29.00
N TYR A 106 0.67 -7.79 -27.99
CA TYR A 106 -0.02 -7.17 -26.87
C TYR A 106 0.88 -6.15 -26.18
N SER A 107 2.11 -6.54 -25.84
CA SER A 107 2.98 -5.65 -25.10
C SER A 107 3.46 -4.50 -25.96
N GLY A 108 3.73 -4.77 -27.24
CA GLY A 108 4.13 -3.68 -28.12
C GLY A 108 3.09 -2.59 -28.20
N LYS A 109 1.82 -2.98 -28.31
CA LYS A 109 0.75 -2.00 -28.44
C LYS A 109 0.55 -1.22 -27.15
N VAL A 110 0.47 -1.92 -26.03
CA VAL A 110 0.31 -1.25 -24.73
C VAL A 110 1.42 -0.23 -24.51
N THR A 111 2.67 -0.64 -24.71
CA THR A 111 3.79 0.24 -24.35
C THR A 111 3.92 1.38 -25.34
N GLU A 112 3.80 1.08 -26.64
CA GLU A 112 3.76 2.13 -27.66
C GLU A 112 2.78 3.24 -27.30
N ASN A 113 1.60 2.87 -26.82
CA ASN A 113 0.61 3.88 -26.46
C ASN A 113 0.99 4.62 -25.18
N CYS A 114 1.61 3.92 -24.23
CA CYS A 114 2.08 4.57 -23.02
C CYS A 114 3.19 5.57 -23.34
N VAL A 115 4.17 5.14 -24.13
CA VAL A 115 5.30 6.00 -24.45
C VAL A 115 4.83 7.20 -25.28
N ALA A 116 3.89 6.97 -26.20
CA ALA A 116 3.33 8.07 -26.98
C ALA A 116 2.79 9.18 -26.07
N TYR A 117 1.92 8.81 -25.14
CA TYR A 117 1.38 9.78 -24.18
C TYR A 117 2.52 10.44 -23.40
N TRP A 118 3.27 9.64 -22.63
CA TRP A 118 4.27 10.20 -21.73
C TRP A 118 5.14 11.22 -22.44
N LYS A 119 5.59 10.91 -23.67
CA LYS A 119 6.49 11.80 -24.38
C LYS A 119 5.76 13.04 -24.86
N ALA A 120 4.51 12.90 -25.27
CA ALA A 120 3.72 14.09 -25.59
C ALA A 120 3.69 15.05 -24.43
N VAL A 121 3.35 14.56 -23.23
CA VAL A 121 3.15 15.38 -22.04
C VAL A 121 4.48 15.62 -21.36
N GLY A 122 5.55 15.12 -21.98
CA GLY A 122 6.90 15.41 -21.53
C GLY A 122 7.26 14.86 -20.18
N VAL A 123 6.67 13.73 -19.77
CA VAL A 123 7.04 13.05 -18.53
C VAL A 123 7.80 11.77 -18.81
N TYR A 124 8.17 11.52 -20.06
CA TYR A 124 8.91 10.30 -20.39
C TYR A 124 10.34 10.43 -19.90
N THR A 125 10.75 9.56 -18.96
CA THR A 125 12.14 9.53 -18.50
C THR A 125 12.75 8.17 -18.81
N ASP A 126 14.06 8.07 -18.59
CA ASP A 126 14.75 6.79 -18.79
C ASP A 126 14.06 5.69 -17.99
N ALA A 127 13.51 6.05 -16.82
CA ALA A 127 12.87 5.07 -15.95
C ALA A 127 11.72 4.38 -16.68
N GLU A 128 10.89 5.15 -17.38
CA GLU A 128 9.77 4.58 -18.10
C GLU A 128 10.24 3.75 -19.30
N GLY A 129 11.29 4.23 -19.99
CA GLY A 129 11.87 3.41 -21.05
C GLY A 129 12.35 2.08 -20.54
N ALA A 130 13.01 2.07 -19.38
CA ALA A 130 13.48 0.81 -18.82
C ALA A 130 12.30 -0.07 -18.41
N ALA A 131 11.25 0.54 -17.86
CA ALA A 131 10.10 -0.24 -17.42
C ALA A 131 9.39 -0.87 -18.61
N VAL A 132 9.30 -0.14 -19.72
CA VAL A 132 8.69 -0.66 -20.95
C VAL A 132 9.52 -1.81 -21.50
N ASP A 133 10.86 -1.67 -21.50
CA ASP A 133 11.72 -2.76 -21.94
C ASP A 133 11.48 -4.01 -21.10
N LYS A 134 11.39 -3.84 -19.78
CA LYS A 134 11.20 -4.98 -18.90
C LYS A 134 9.83 -5.60 -19.11
N PHE A 135 8.84 -4.75 -19.35
CA PHE A 135 7.50 -5.24 -19.66
C PHE A 135 7.49 -6.08 -20.93
N LYS A 136 8.07 -5.56 -22.02
CA LYS A 136 8.14 -6.32 -23.27
C LYS A 136 8.94 -7.61 -23.12
N GLU A 137 10.03 -7.57 -22.34
CA GLU A 137 10.83 -8.77 -22.15
C GLU A 137 10.02 -9.86 -21.44
N ALA A 138 9.15 -9.47 -20.50
CA ALA A 138 8.30 -10.46 -19.84
C ALA A 138 7.30 -11.10 -20.82
N PHE A 139 6.80 -10.34 -21.80
CA PHE A 139 5.77 -10.86 -22.71
C PHE A 139 6.36 -11.57 -23.91
N LYS A 140 7.60 -11.28 -24.28
CA LYS A 140 8.17 -11.78 -25.53
C LYS A 140 8.00 -13.27 -25.75
N PRO A 141 8.26 -14.14 -24.76
CA PRO A 141 8.16 -15.58 -25.03
C PRO A 141 6.74 -16.11 -24.98
N GLU A 142 5.75 -15.28 -24.69
CA GLU A 142 4.45 -15.79 -24.31
C GLU A 142 3.46 -15.65 -25.46
N THR A 143 2.55 -16.62 -25.55
CA THR A 143 1.42 -16.58 -26.46
C THR A 143 0.19 -16.97 -25.65
N PHE A 144 -0.95 -16.39 -26.01
CA PHE A 144 -2.16 -16.46 -25.20
C PHE A 144 -3.31 -17.01 -26.04
N PRO A 145 -3.49 -18.33 -26.06
CA PRO A 145 -4.65 -18.91 -26.70
C PRO A 145 -5.90 -18.51 -25.94
N PRO A 146 -7.08 -18.61 -26.55
CA PRO A 146 -8.32 -18.36 -25.82
C PRO A 146 -8.33 -19.09 -24.49
N GLY A 147 -8.78 -18.38 -23.44
CA GLY A 147 -8.79 -18.91 -22.10
C GLY A 147 -7.55 -18.62 -21.28
N ALA A 148 -6.43 -18.29 -21.93
CA ALA A 148 -5.22 -17.93 -21.20
C ALA A 148 -5.40 -16.55 -20.55
N SER A 149 -4.52 -16.24 -19.58
CA SER A 149 -4.70 -15.02 -18.80
C SER A 149 -3.38 -14.28 -18.61
N ILE A 150 -3.49 -12.95 -18.54
CA ILE A 150 -2.41 -12.08 -18.06
C ILE A 150 -2.87 -11.55 -16.70
N LEU A 151 -1.99 -11.62 -15.71
CA LEU A 151 -2.31 -11.19 -14.35
C LEU A 151 -1.42 -10.02 -13.96
N PHE A 152 -2.04 -8.91 -13.60
CA PHE A 152 -1.32 -7.69 -13.21
C PHE A 152 -1.62 -7.40 -11.75
N THR A 153 -0.59 -7.35 -10.92
CA THR A 153 -0.71 -6.84 -9.57
C THR A 153 -0.21 -5.39 -9.56
N HIS A 154 -1.01 -4.49 -9.01
CA HIS A 154 -0.67 -3.07 -8.91
C HIS A 154 -0.50 -2.78 -7.43
N SER A 155 0.73 -2.79 -6.95
CA SER A 155 0.97 -2.60 -5.52
C SER A 155 0.57 -1.19 -5.08
N PRO A 156 0.36 -1.01 -3.79
CA PRO A 156 -0.06 0.31 -3.29
C PRO A 156 0.99 1.37 -3.55
N ALA A 157 2.28 1.02 -3.52
CA ALA A 157 3.29 2.04 -3.80
C ALA A 157 3.56 2.21 -5.29
N GLY A 158 3.07 1.33 -6.14
CA GLY A 158 3.23 1.54 -7.56
C GLY A 158 4.14 0.54 -8.27
N VAL A 159 4.28 -0.67 -7.73
CA VAL A 159 5.00 -1.74 -8.40
C VAL A 159 4.00 -2.59 -9.19
N LEU A 160 4.29 -2.79 -10.49
CA LEU A 160 3.47 -3.65 -11.34
C LEU A 160 4.12 -5.03 -11.43
N THR A 161 3.42 -6.06 -10.96
CA THR A 161 3.92 -7.42 -11.12
C THR A 161 3.13 -8.13 -12.23
N VAL A 162 3.85 -8.73 -13.17
CA VAL A 162 3.26 -9.31 -14.38
C VAL A 162 3.43 -10.82 -14.29
N ALA A 163 2.33 -11.55 -14.30
CA ALA A 163 2.38 -13.02 -14.31
C ALA A 163 1.41 -13.54 -15.35
N PHE A 164 1.52 -14.84 -15.64
CA PHE A 164 0.74 -15.44 -16.72
C PHE A 164 0.13 -16.76 -16.26
N SER A 165 -0.96 -17.13 -16.93
CA SER A 165 -1.65 -18.38 -16.63
C SER A 165 -2.18 -19.00 -17.91
N LYS A 166 -2.15 -20.34 -18.00
CA LYS A 166 -2.73 -21.02 -19.15
C LYS A 166 -4.25 -21.00 -19.13
N ASP A 167 -4.88 -20.74 -17.98
CA ASP A 167 -6.34 -20.70 -17.89
C ASP A 167 -6.81 -19.52 -17.06
N SER A 168 -7.95 -19.65 -16.39
CA SER A 168 -8.50 -18.56 -15.58
C SER A 168 -7.92 -18.52 -14.17
N SER A 169 -7.09 -19.49 -13.81
CA SER A 169 -6.59 -19.57 -12.44
C SER A 169 -5.38 -18.67 -12.26
N VAL A 170 -5.13 -18.32 -11.00
CA VAL A 170 -4.12 -17.34 -10.61
C VAL A 170 -2.97 -18.10 -9.95
N PRO A 171 -1.74 -17.95 -10.43
CA PRO A 171 -0.61 -18.65 -9.79
C PRO A 171 -0.33 -18.08 -8.41
N GLU A 172 0.37 -18.88 -7.61
CA GLU A 172 0.76 -18.45 -6.28
C GLU A 172 2.16 -17.86 -6.22
N SER A 173 3.03 -18.19 -7.18
CA SER A 173 4.37 -17.64 -7.26
C SER A 173 4.38 -16.41 -8.16
N GLY A 174 4.88 -15.29 -7.62
CA GLY A 174 4.78 -14.01 -8.31
C GLY A 174 5.53 -14.00 -9.63
N GLY A 175 5.20 -13.02 -10.44
CA GLY A 175 5.82 -12.87 -11.74
C GLY A 175 6.97 -11.88 -11.71
N VAL A 176 7.09 -11.12 -12.77
CA VAL A 176 8.16 -10.13 -12.93
C VAL A 176 7.72 -8.83 -12.28
N ALA A 177 8.52 -8.31 -11.37
CA ALA A 177 8.18 -7.09 -10.63
C ALA A 177 8.78 -5.89 -11.34
N ILE A 178 7.93 -4.99 -11.81
CA ILE A 178 8.36 -3.80 -12.53
C ILE A 178 8.05 -2.61 -11.64
N ASP A 179 9.11 -2.07 -11.02
CA ASP A 179 9.01 -0.97 -10.07
C ASP A 179 9.03 0.34 -10.84
N ASN A 180 7.86 0.70 -11.39
CA ASN A 180 7.69 1.97 -12.09
C ASN A 180 6.24 2.39 -11.94
N LYS A 181 5.98 3.39 -11.08
CA LYS A 181 4.60 3.78 -10.82
C LYS A 181 3.87 4.26 -12.07
N PRO A 182 4.49 5.02 -12.98
CA PRO A 182 3.75 5.41 -14.19
C PRO A 182 3.25 4.21 -15.00
N LEU A 183 4.10 3.21 -15.23
CA LEU A 183 3.63 2.05 -15.98
C LEU A 183 2.56 1.29 -15.19
N CYS A 184 2.76 1.15 -13.89
CA CYS A 184 1.80 0.46 -13.04
C CYS A 184 0.41 1.11 -13.14
N GLU A 185 0.34 2.44 -13.04
CA GLU A 185 -0.96 3.11 -13.14
C GLU A 185 -1.49 3.13 -14.56
N ALA A 186 -0.59 3.27 -15.55
CA ALA A 186 -1.02 3.36 -16.94
C ALA A 186 -1.73 2.09 -17.39
N VAL A 187 -1.25 0.93 -16.96
CA VAL A 187 -1.89 -0.32 -17.34
C VAL A 187 -3.33 -0.33 -16.84
N LEU A 188 -3.55 0.07 -15.59
CA LEU A 188 -4.92 0.10 -15.06
C LEU A 188 -5.72 1.22 -15.70
N GLU A 189 -5.09 2.38 -15.89
CA GLU A 189 -5.73 3.53 -16.53
C GLU A 189 -6.20 3.19 -17.93
N SER A 190 -5.41 2.42 -18.68
CA SER A 190 -5.84 2.08 -20.04
C SER A 190 -7.14 1.29 -20.05
N ILE A 191 -7.47 0.63 -18.94
CA ILE A 191 -8.72 -0.15 -18.86
C ILE A 191 -9.87 0.69 -18.35
N ILE A 192 -9.72 1.37 -17.22
CA ILE A 192 -10.84 2.03 -16.57
C ILE A 192 -10.79 3.54 -16.67
N GLY A 193 -9.80 4.11 -17.37
CA GLY A 193 -9.68 5.55 -17.48
C GLY A 193 -10.68 6.17 -18.46
N GLU A 194 -10.58 7.50 -18.59
CA GLU A 194 -11.51 8.22 -19.45
C GLU A 194 -11.56 7.62 -20.84
N HIS A 195 -10.39 7.36 -21.42
CA HIS A 195 -10.29 6.64 -22.67
C HIS A 195 -10.09 5.15 -22.44
N GLY A 196 -10.44 4.65 -21.27
CA GLY A 196 -10.27 3.25 -20.92
C GLY A 196 -10.85 2.35 -21.99
N VAL A 197 -10.14 1.26 -22.31
CA VAL A 197 -10.59 0.40 -23.40
C VAL A 197 -11.75 -0.49 -23.01
N SER A 198 -12.19 -0.48 -21.76
CA SER A 198 -13.34 -1.27 -21.33
C SER A 198 -14.41 -0.42 -20.65
N PRO A 199 -15.27 0.24 -21.43
CA PRO A 199 -16.47 0.84 -20.83
C PRO A 199 -17.31 -0.16 -20.06
N ALA A 200 -17.37 -1.42 -20.51
CA ALA A 200 -18.14 -2.44 -19.77
C ALA A 200 -17.57 -2.64 -18.36
N ALA A 201 -16.24 -2.78 -18.25
CA ALA A 201 -15.65 -2.94 -16.92
C ALA A 201 -15.93 -1.73 -16.04
N LYS A 202 -15.81 -0.52 -16.60
CA LYS A 202 -16.02 0.70 -15.83
C LYS A 202 -17.45 0.76 -15.26
N LEU A 203 -18.44 0.37 -16.06
CA LEU A 203 -19.81 0.38 -15.55
C LEU A 203 -20.00 -0.66 -14.45
N SER A 204 -19.37 -1.83 -14.61
CA SER A 204 -19.45 -2.87 -13.59
C SER A 204 -18.83 -2.39 -12.28
N VAL A 205 -17.64 -1.80 -12.34
CA VAL A 205 -16.98 -1.35 -11.12
C VAL A 205 -17.82 -0.31 -10.39
N ALA A 206 -18.42 0.62 -11.13
CA ALA A 206 -19.15 1.70 -10.47
C ALA A 206 -20.43 1.19 -9.82
N ALA A 207 -21.09 0.21 -10.43
CA ALA A 207 -22.31 -0.30 -9.83
C ALA A 207 -22.00 -1.14 -8.60
N ARG A 208 -20.95 -1.96 -8.67
CA ARG A 208 -20.67 -2.86 -7.56
C ARG A 208 -20.01 -2.10 -6.41
N VAL A 209 -19.17 -1.10 -6.71
CA VAL A 209 -18.53 -0.37 -5.63
C VAL A 209 -19.54 0.53 -4.94
N SER A 210 -20.44 1.14 -5.72
CA SER A 210 -21.48 1.97 -5.12
C SER A 210 -22.26 1.21 -4.06
N GLU A 211 -22.61 -0.05 -4.34
CA GLU A 211 -23.39 -0.79 -3.35
C GLU A 211 -22.53 -1.26 -2.18
N LEU A 212 -21.25 -1.60 -2.40
CA LEU A 212 -20.37 -1.90 -1.26
C LEU A 212 -20.15 -0.67 -0.39
N LEU A 213 -20.17 0.53 -0.97
CA LEU A 213 -19.93 1.73 -0.17
C LEU A 213 -21.12 2.02 0.76
N LYS A 214 -22.28 1.47 0.43
CA LYS A 214 -23.48 1.64 1.26
C LYS A 214 -23.40 0.82 2.55
N GLU A 215 -22.79 -0.36 2.49
CA GLU A 215 -22.63 -1.19 3.68
C GLU A 215 -21.53 -0.70 4.61
N ALA A 216 -20.72 0.27 4.17
CA ALA A 216 -19.72 0.87 5.04
C ALA A 216 -20.22 2.12 5.71
N SER A 217 -21.10 2.87 5.05
CA SER A 217 -21.64 4.10 5.60
C SER A 217 -22.60 3.84 6.77
N VAL B 4 2.30 -13.96 17.45
CA VAL B 4 0.91 -13.56 17.44
C VAL B 4 0.46 -13.26 18.88
N SER B 5 1.41 -12.98 19.77
CA SER B 5 1.13 -12.80 21.19
C SER B 5 1.28 -11.34 21.62
N GLU B 6 0.54 -10.97 22.67
CA GLU B 6 0.63 -9.64 23.25
C GLU B 6 1.99 -9.42 23.89
N VAL B 7 2.37 -8.15 24.03
CA VAL B 7 3.65 -7.78 24.62
C VAL B 7 3.38 -6.69 25.67
N ALA B 8 3.95 -6.88 26.85
CA ALA B 8 3.90 -5.88 27.91
C ALA B 8 5.24 -5.17 27.99
N VAL B 9 5.18 -3.85 28.21
CA VAL B 9 6.36 -3.00 28.32
C VAL B 9 6.09 -2.10 29.51
N ASP B 10 6.71 -2.41 30.65
CA ASP B 10 6.60 -1.61 31.87
C ASP B 10 5.15 -1.15 32.11
N GLY B 11 4.23 -2.11 32.08
CA GLY B 11 2.85 -1.86 32.42
C GLY B 11 1.94 -1.56 31.25
N VAL B 12 2.50 -1.18 30.10
CA VAL B 12 1.71 -0.90 28.90
C VAL B 12 1.54 -2.21 28.13
N VAL B 13 0.29 -2.59 27.90
CA VAL B 13 -0.02 -3.84 27.20
C VAL B 13 -0.32 -3.52 25.75
N PHE B 14 0.37 -4.18 24.83
CA PHE B 14 0.10 -4.09 23.40
C PHE B 14 -0.57 -5.37 22.91
N PRO B 15 -1.85 -5.33 22.54
CA PRO B 15 -2.50 -6.53 22.01
C PRO B 15 -1.81 -7.02 20.75
N PRO B 16 -1.91 -8.32 20.43
CA PRO B 16 -1.22 -8.85 19.25
C PRO B 16 -1.81 -8.42 17.91
N VAL B 17 -2.92 -7.68 17.91
CA VAL B 17 -3.56 -7.24 16.68
C VAL B 17 -4.01 -5.79 16.84
N ALA B 18 -3.94 -5.03 15.74
CA ALA B 18 -4.39 -3.66 15.73
C ALA B 18 -4.99 -3.35 14.38
N ARG B 19 -6.01 -2.50 14.39
CA ARG B 19 -6.68 -2.01 13.19
C ARG B 19 -6.57 -0.49 13.18
N PRO B 20 -5.68 0.08 12.38
CA PRO B 20 -5.51 1.53 12.41
C PRO B 20 -6.82 2.22 12.10
N PRO B 21 -7.05 3.40 12.67
CA PRO B 21 -8.32 4.08 12.42
C PRO B 21 -8.47 4.42 10.95
N GLY B 22 -9.59 3.99 10.37
CA GLY B 22 -9.92 4.42 9.02
C GLY B 22 -9.10 3.84 7.90
N SER B 23 -8.08 3.02 8.16
CA SER B 23 -7.31 2.44 7.06
C SER B 23 -7.93 1.17 6.50
N GLY B 24 -8.76 0.47 7.27
CA GLY B 24 -9.39 -0.74 6.80
C GLY B 24 -8.52 -1.97 6.75
N ARG B 25 -7.26 -1.89 7.18
CA ARG B 25 -6.38 -3.03 7.22
C ARG B 25 -6.19 -3.51 8.66
N SER B 26 -5.74 -4.76 8.80
CA SER B 26 -5.39 -5.33 10.09
C SER B 26 -3.90 -5.60 10.15
N HIS B 27 -3.33 -5.45 11.35
CA HIS B 27 -1.90 -5.60 11.56
C HIS B 27 -1.64 -6.61 12.67
N PHE B 28 -0.45 -7.19 12.63
CA PHE B 28 0.08 -7.99 13.72
C PHE B 28 1.15 -7.19 14.46
N LEU B 29 1.29 -7.48 15.75
CA LEU B 29 2.30 -6.87 16.60
C LEU B 29 3.67 -7.42 16.26
N ALA B 30 4.48 -6.65 15.54
CA ALA B 30 5.82 -7.11 15.18
C ALA B 30 6.81 -6.98 16.33
N GLY B 31 6.68 -5.94 17.13
CA GLY B 31 7.60 -5.77 18.25
C GLY B 31 7.15 -4.60 19.10
N ALA B 32 7.62 -4.61 20.36
CA ALA B 32 7.31 -3.53 21.28
C ALA B 32 8.49 -3.36 22.21
N GLY B 33 8.72 -2.12 22.64
CA GLY B 33 9.87 -1.84 23.48
C GLY B 33 9.76 -0.47 24.13
N VAL B 34 10.52 -0.30 25.21
CA VAL B 34 10.58 0.99 25.88
C VAL B 34 11.46 1.91 25.06
N ARG B 35 11.20 3.22 25.18
CA ARG B 35 12.01 4.26 24.58
C ARG B 35 12.45 5.20 25.69
N GLY B 36 13.75 5.46 25.79
CA GLY B 36 14.29 6.30 26.84
C GLY B 36 15.21 7.37 26.29
N MET B 37 15.65 8.23 27.21
CA MET B 37 16.67 9.23 26.98
C MET B 37 17.70 9.14 28.09
N GLU B 38 18.94 9.52 27.80
CA GLU B 38 19.94 9.57 28.85
C GLU B 38 19.82 10.92 29.55
N ILE B 39 19.40 10.90 30.80
CA ILE B 39 19.32 12.09 31.64
C ILE B 39 20.27 11.90 32.80
N GLY B 40 21.07 12.93 33.09
CA GLY B 40 22.15 12.75 34.03
C GLY B 40 23.17 11.76 33.50
N GLY B 41 23.20 10.55 34.04
CA GLY B 41 24.04 9.50 33.50
C GLY B 41 23.36 8.15 33.43
N ASN B 42 22.03 8.13 33.40
CA ASN B 42 21.28 6.87 33.35
C ASN B 42 20.19 6.94 32.28
N PHE B 43 19.73 5.75 31.91
CA PHE B 43 18.60 5.61 31.00
C PHE B 43 17.30 5.88 31.76
N ILE B 44 16.49 6.78 31.23
CA ILE B 44 15.19 7.10 31.80
C ILE B 44 14.13 6.74 30.77
N LYS B 45 13.19 5.87 31.17
CA LYS B 45 12.14 5.41 30.27
C LYS B 45 11.04 6.46 30.16
N PHE B 46 10.72 6.86 28.93
CA PHE B 46 9.71 7.88 28.67
C PHE B 46 8.44 7.33 28.04
N THR B 47 8.57 6.46 27.04
CA THR B 47 7.42 5.92 26.36
C THR B 47 7.62 4.44 26.14
N ALA B 48 6.50 3.74 25.93
CA ALA B 48 6.48 2.38 25.43
C ALA B 48 5.93 2.43 24.01
N ILE B 49 6.58 1.72 23.10
CA ILE B 49 6.28 1.80 21.68
C ILE B 49 5.98 0.41 21.13
N GLY B 50 4.87 0.29 20.41
CA GLY B 50 4.53 -0.94 19.72
C GLY B 50 4.53 -0.74 18.22
N VAL B 51 5.20 -1.63 17.50
CA VAL B 51 5.32 -1.55 16.05
C VAL B 51 4.48 -2.66 15.45
N TYR B 52 3.46 -2.28 14.69
CA TYR B 52 2.58 -3.20 14.02
C TYR B 52 2.82 -3.14 12.50
N LEU B 53 2.60 -4.27 11.83
CA LEU B 53 2.82 -4.36 10.40
C LEU B 53 1.62 -5.05 9.75
N GLU B 54 1.36 -4.67 8.51
CA GLU B 54 0.20 -5.19 7.79
C GLU B 54 0.19 -6.71 7.76
N GLU B 55 -0.95 -7.29 8.12
CA GLU B 55 -1.08 -8.73 8.10
C GLU B 55 -1.00 -9.24 6.67
N GLY B 56 -0.31 -10.37 6.48
CA GLY B 56 -0.17 -10.94 5.17
C GLY B 56 0.90 -10.26 4.34
N ALA B 57 0.73 -8.96 4.07
CA ALA B 57 1.57 -8.31 3.07
C ALA B 57 3.00 -8.10 3.58
N ALA B 58 3.16 -7.70 4.85
CA ALA B 58 4.51 -7.47 5.38
C ALA B 58 5.34 -8.76 5.33
N VAL B 59 4.79 -9.86 5.84
CA VAL B 59 5.54 -11.12 5.81
C VAL B 59 5.87 -11.51 4.38
N SER B 60 4.91 -11.32 3.46
CA SER B 60 5.12 -11.72 2.08
C SER B 60 6.22 -10.90 1.42
N ALA B 61 6.26 -9.60 1.73
CA ALA B 61 7.30 -8.76 1.16
C ALA B 61 8.64 -9.02 1.84
N LEU B 62 8.64 -9.17 3.15
CA LEU B 62 9.91 -9.34 3.87
C LEU B 62 10.55 -10.68 3.56
N ALA B 63 9.75 -11.74 3.42
CA ALA B 63 10.32 -13.08 3.26
C ALA B 63 11.16 -13.20 1.99
N LYS B 64 10.87 -12.38 0.98
CA LYS B 64 11.64 -12.45 -0.25
C LYS B 64 13.12 -12.18 -0.02
N LYS B 65 13.46 -11.36 0.98
CA LYS B 65 14.85 -11.04 1.26
C LYS B 65 15.35 -11.59 2.58
N TRP B 66 14.47 -11.85 3.55
CA TRP B 66 14.90 -12.11 4.92
C TRP B 66 14.47 -13.48 5.43
N ALA B 67 13.85 -14.32 4.61
CA ALA B 67 13.50 -15.66 5.05
C ALA B 67 14.74 -16.45 5.42
N GLY B 68 14.61 -17.29 6.44
CA GLY B 68 15.70 -18.13 6.87
C GLY B 68 16.79 -17.43 7.66
N LYS B 69 16.56 -16.20 8.12
CA LYS B 69 17.55 -15.50 8.92
C LYS B 69 17.14 -15.50 10.39
N SER B 70 18.14 -15.46 11.26
CA SER B 70 17.89 -15.58 12.70
C SER B 70 17.65 -14.23 13.35
N ALA B 71 17.02 -14.28 14.52
CA ALA B 71 16.76 -13.07 15.31
C ALA B 71 18.02 -12.24 15.47
N ASP B 72 19.17 -12.89 15.73
CA ASP B 72 20.41 -12.15 15.94
C ASP B 72 20.92 -11.54 14.65
N GLU B 73 20.82 -12.27 13.54
CA GLU B 73 21.22 -11.70 12.25
C GLU B 73 20.36 -10.49 11.89
N LEU B 74 19.04 -10.61 12.05
CA LEU B 74 18.15 -9.52 11.68
C LEU B 74 18.35 -8.31 12.60
N ALA B 75 18.54 -8.56 13.89
CA ALA B 75 18.75 -7.45 14.83
C ALA B 75 20.01 -6.66 14.47
N ALA B 76 21.02 -7.30 13.89
CA ALA B 76 22.29 -6.64 13.61
C ALA B 76 22.38 -6.08 12.19
N ASP B 77 21.42 -6.36 11.33
CA ASP B 77 21.44 -5.90 9.95
C ASP B 77 20.53 -4.68 9.80
N ALA B 78 21.14 -3.50 9.66
CA ALA B 78 20.36 -2.27 9.55
C ALA B 78 19.51 -2.25 8.29
N ALA B 79 19.94 -2.97 7.26
CA ALA B 79 19.18 -3.02 6.02
C ALA B 79 17.85 -3.74 6.19
N PHE B 80 17.72 -4.60 7.20
CA PHE B 80 16.43 -5.23 7.47
C PHE B 80 15.44 -4.19 8.01
N PHE B 81 15.88 -3.38 8.97
CA PHE B 81 15.00 -2.36 9.48
C PHE B 81 14.68 -1.30 8.41
N ARG B 82 15.63 -1.00 7.53
CA ARG B 82 15.34 -0.08 6.44
C ARG B 82 14.26 -0.65 5.53
N ASP B 83 14.27 -1.98 5.35
CA ASP B 83 13.25 -2.63 4.54
C ASP B 83 11.89 -2.57 5.20
N VAL B 84 11.85 -2.64 6.53
CA VAL B 84 10.59 -2.52 7.24
C VAL B 84 10.05 -1.11 7.11
N VAL B 85 10.93 -0.11 7.25
CA VAL B 85 10.50 1.29 7.18
C VAL B 85 9.92 1.63 5.81
N THR B 86 10.60 1.20 4.73
CA THR B 86 10.25 1.60 3.37
C THR B 86 9.35 0.59 2.67
N GLY B 87 8.90 -0.44 3.36
CA GLY B 87 8.23 -1.54 2.69
C GLY B 87 6.92 -1.13 2.05
N ASP B 88 6.55 -1.88 1.01
CA ASP B 88 5.32 -1.67 0.24
C ASP B 88 4.11 -2.25 0.98
N PHE B 89 3.91 -1.77 2.21
CA PHE B 89 2.85 -2.29 3.04
C PHE B 89 2.61 -1.29 4.18
N GLU B 90 1.47 -1.43 4.84
CA GLU B 90 1.14 -0.48 5.91
C GLU B 90 1.90 -0.84 7.18
N LYS B 91 2.24 0.19 7.95
CA LYS B 91 2.79 -0.01 9.29
C LYS B 91 1.97 0.83 10.23
N PHE B 92 1.97 0.47 11.51
CA PHE B 92 1.18 1.20 12.50
C PHE B 92 1.96 1.23 13.80
N THR B 93 2.19 2.43 14.33
CA THR B 93 3.00 2.63 15.53
C THR B 93 2.15 3.25 16.63
N ARG B 94 2.21 2.66 17.83
CA ARG B 94 1.54 3.21 18.99
C ARG B 94 2.59 3.63 20.00
N VAL B 95 2.59 4.91 20.36
CA VAL B 95 3.52 5.45 21.34
C VAL B 95 2.71 5.79 22.57
N THR B 96 2.94 5.07 23.67
CA THR B 96 2.14 5.28 24.88
C THR B 96 3.02 5.82 26.01
N MET B 97 2.55 6.87 26.67
CA MET B 97 3.40 7.59 27.61
C MET B 97 3.59 6.77 28.88
N ILE B 98 4.84 6.66 29.30
CA ILE B 98 5.19 6.24 30.66
C ILE B 98 5.30 7.46 31.58
N LEU B 99 6.05 8.41 31.17
CA LEU B 99 6.18 9.74 31.73
C LEU B 99 5.39 10.73 30.89
N PRO B 100 4.90 11.81 31.50
CA PRO B 100 4.06 12.77 30.75
C PRO B 100 4.85 13.57 29.74
N LEU B 101 4.21 13.87 28.61
CA LEU B 101 4.79 14.68 27.56
C LEU B 101 3.76 15.66 27.04
N THR B 102 4.22 16.82 26.57
CA THR B 102 3.33 17.77 25.95
C THR B 102 3.47 17.65 24.44
N GLY B 103 2.36 17.83 23.73
CA GLY B 103 2.38 17.69 22.28
C GLY B 103 3.35 18.65 21.63
N GLU B 104 3.42 19.88 22.15
CA GLU B 104 4.35 20.88 21.59
C GLU B 104 5.79 20.40 21.63
N GLN B 105 6.24 19.92 22.80
CA GLN B 105 7.65 19.55 22.92
C GLN B 105 7.96 18.27 22.17
N TYR B 106 7.06 17.28 22.24
CA TYR B 106 7.26 16.05 21.49
C TYR B 106 7.40 16.33 20.00
N SER B 107 6.47 17.11 19.45
CA SER B 107 6.50 17.38 18.01
C SER B 107 7.65 18.29 17.63
N GLY B 108 7.98 19.25 18.49
CA GLY B 108 9.16 20.07 18.23
C GLY B 108 10.42 19.23 18.09
N LYS B 109 10.61 18.29 19.01
CA LYS B 109 11.82 17.46 19.03
C LYS B 109 11.88 16.54 17.82
N VAL B 110 10.78 15.85 17.51
CA VAL B 110 10.74 14.99 16.33
C VAL B 110 11.07 15.78 15.07
N THR B 111 10.34 16.89 14.86
CA THR B 111 10.47 17.62 13.59
C THR B 111 11.78 18.38 13.50
N GLU B 112 12.27 18.92 14.62
CA GLU B 112 13.59 19.55 14.62
C GLU B 112 14.66 18.56 14.18
N ASN B 113 14.59 17.31 14.66
CA ASN B 113 15.58 16.30 14.27
C ASN B 113 15.42 15.92 12.80
N CYS B 114 14.18 15.79 12.33
CA CYS B 114 13.97 15.48 10.92
C CYS B 114 14.51 16.60 10.04
N VAL B 115 14.09 17.83 10.30
CA VAL B 115 14.50 18.95 9.44
C VAL B 115 16.02 19.12 9.46
N ALA B 116 16.65 18.86 10.61
CA ALA B 116 18.10 18.96 10.68
C ALA B 116 18.77 18.02 9.69
N TYR B 117 18.40 16.75 9.75
CA TYR B 117 18.91 15.75 8.83
C TYR B 117 18.68 16.18 7.37
N TRP B 118 17.42 16.45 7.01
CA TRP B 118 17.10 16.72 5.60
C TRP B 118 17.88 17.92 5.08
N LYS B 119 17.91 19.01 5.85
CA LYS B 119 18.59 20.22 5.39
C LYS B 119 20.08 19.98 5.20
N ALA B 120 20.68 19.16 6.08
CA ALA B 120 22.10 18.90 5.99
C ALA B 120 22.42 18.02 4.78
N VAL B 121 21.53 17.07 4.45
CA VAL B 121 21.75 16.20 3.30
C VAL B 121 21.14 16.75 2.02
N GLY B 122 20.55 17.94 2.07
CA GLY B 122 20.11 18.59 0.85
C GLY B 122 18.86 18.04 0.21
N VAL B 123 18.00 17.36 0.96
CA VAL B 123 16.72 16.89 0.47
C VAL B 123 15.54 17.60 1.14
N TYR B 124 15.79 18.70 1.85
CA TYR B 124 14.70 19.45 2.45
C TYR B 124 14.03 20.30 1.38
N THR B 125 12.76 20.05 1.12
CA THR B 125 11.95 20.84 0.19
C THR B 125 10.82 21.51 0.96
N ASP B 126 10.14 22.44 0.28
CA ASP B 126 8.97 23.06 0.87
C ASP B 126 7.98 21.98 1.34
N ALA B 127 7.93 20.84 0.65
CA ALA B 127 6.95 19.82 0.98
C ALA B 127 7.15 19.32 2.39
N GLU B 128 8.41 19.11 2.79
CA GLU B 128 8.73 18.67 4.15
C GLU B 128 8.45 19.79 5.16
N GLY B 129 8.81 21.02 4.84
CA GLY B 129 8.45 22.12 5.71
C GLY B 129 6.96 22.18 5.97
N ALA B 130 6.14 21.99 4.93
CA ALA B 130 4.71 21.99 5.12
C ALA B 130 4.26 20.81 5.97
N ALA B 131 4.82 19.64 5.70
CA ALA B 131 4.44 18.44 6.46
C ALA B 131 4.76 18.60 7.94
N VAL B 132 5.92 19.19 8.25
CA VAL B 132 6.31 19.45 9.64
C VAL B 132 5.36 20.43 10.30
N ASP B 133 4.97 21.51 9.58
CA ASP B 133 3.99 22.44 10.13
C ASP B 133 2.68 21.74 10.42
N LYS B 134 2.23 20.88 9.50
CA LYS B 134 0.97 20.19 9.70
C LYS B 134 1.07 19.19 10.85
N PHE B 135 2.22 18.53 10.96
CA PHE B 135 2.54 17.66 12.10
C PHE B 135 2.46 18.42 13.42
N LYS B 136 3.16 19.56 13.51
CA LYS B 136 3.12 20.36 14.73
C LYS B 136 1.73 20.94 15.03
N GLU B 137 0.95 21.30 14.00
CA GLU B 137 -0.40 21.79 14.27
C GLU B 137 -1.26 20.70 14.92
N ALA B 138 -1.12 19.45 14.47
CA ALA B 138 -1.86 18.36 15.08
C ALA B 138 -1.49 18.17 16.55
N PHE B 139 -0.22 18.33 16.90
CA PHE B 139 0.20 18.08 18.28
C PHE B 139 0.01 19.27 19.19
N LYS B 140 -0.14 20.49 18.65
CA LYS B 140 -0.11 21.69 19.49
C LYS B 140 -1.11 21.67 20.64
N PRO B 141 -2.40 21.38 20.42
CA PRO B 141 -3.36 21.43 21.52
C PRO B 141 -3.35 20.21 22.43
N GLU B 142 -2.42 19.27 22.27
CA GLU B 142 -2.51 17.99 22.95
C GLU B 142 -1.49 17.90 24.08
N THR B 143 -1.89 17.28 25.19
CA THR B 143 -0.96 16.87 26.23
C THR B 143 -1.19 15.39 26.49
N PHE B 144 -0.14 14.71 26.95
CA PHE B 144 -0.13 13.26 27.09
C PHE B 144 0.28 12.86 28.50
N PRO B 145 -0.68 12.71 29.40
CA PRO B 145 -0.38 12.12 30.69
C PRO B 145 -0.02 10.66 30.54
N PRO B 146 0.61 10.06 31.55
CA PRO B 146 0.89 8.62 31.49
C PRO B 146 -0.35 7.85 31.08
N GLY B 147 -0.16 6.86 30.21
CA GLY B 147 -1.26 6.08 29.69
C GLY B 147 -1.84 6.60 28.39
N ALA B 148 -1.66 7.87 28.06
CA ALA B 148 -2.12 8.42 26.80
C ALA B 148 -1.27 7.87 25.64
N SER B 149 -1.82 7.95 24.43
CA SER B 149 -1.17 7.32 23.28
C SER B 149 -1.16 8.24 22.06
N ILE B 150 -0.08 8.13 21.29
CA ILE B 150 0.03 8.71 19.95
C ILE B 150 -0.03 7.54 18.98
N LEU B 151 -0.92 7.63 17.99
CA LEU B 151 -1.10 6.57 17.00
C LEU B 151 -0.71 7.07 15.61
N PHE B 152 0.30 6.41 15.02
CA PHE B 152 0.80 6.73 13.68
C PHE B 152 0.45 5.59 12.72
N THR B 153 -0.30 5.91 11.67
CA THR B 153 -0.50 5.00 10.55
C THR B 153 0.45 5.41 9.43
N HIS B 154 1.24 4.47 8.95
CA HIS B 154 2.19 4.69 7.86
C HIS B 154 1.64 3.94 6.65
N SER B 155 1.02 4.65 5.72
CA SER B 155 0.38 3.98 4.60
C SER B 155 1.41 3.40 3.64
N PRO B 156 1.01 2.40 2.87
CA PRO B 156 1.96 1.80 1.90
C PRO B 156 2.57 2.82 0.96
N ALA B 157 1.78 3.80 0.49
CA ALA B 157 2.31 4.81 -0.41
C ALA B 157 3.07 5.93 0.32
N GLY B 158 2.98 6.00 1.64
CA GLY B 158 3.73 7.01 2.36
C GLY B 158 2.91 8.14 2.95
N VAL B 159 1.66 7.89 3.33
CA VAL B 159 0.84 8.87 4.03
C VAL B 159 0.88 8.57 5.52
N LEU B 160 1.21 9.58 6.33
CA LEU B 160 1.30 9.45 7.78
C LEU B 160 0.01 10.00 8.39
N THR B 161 -0.78 9.13 9.03
CA THR B 161 -1.97 9.61 9.73
C THR B 161 -1.69 9.67 11.22
N VAL B 162 -2.05 10.79 11.84
CA VAL B 162 -1.70 11.05 13.24
C VAL B 162 -3.00 11.12 14.05
N ALA B 163 -3.17 10.22 14.99
CA ALA B 163 -4.34 10.24 15.88
C ALA B 163 -3.89 10.17 17.33
N PHE B 164 -4.83 10.43 18.23
CA PHE B 164 -4.52 10.46 19.65
C PHE B 164 -5.55 9.64 20.44
N SER B 165 -5.13 9.21 21.62
CA SER B 165 -6.01 8.50 22.53
C SER B 165 -5.65 8.84 23.98
N LYS B 166 -6.65 8.92 24.85
CA LYS B 166 -6.39 9.15 26.26
C LYS B 166 -5.87 7.90 26.97
N ASP B 167 -5.95 6.73 26.33
CA ASP B 167 -5.47 5.49 26.94
C ASP B 167 -4.76 4.65 25.88
N SER B 168 -4.79 3.33 26.04
CA SER B 168 -4.15 2.40 25.10
C SER B 168 -5.04 2.00 23.95
N SER B 169 -6.31 2.43 23.95
CA SER B 169 -7.24 2.02 22.92
C SER B 169 -7.03 2.81 21.64
N VAL B 170 -7.32 2.18 20.51
CA VAL B 170 -7.10 2.77 19.19
C VAL B 170 -8.42 3.31 18.69
N PRO B 171 -8.55 4.62 18.48
CA PRO B 171 -9.82 5.15 17.96
C PRO B 171 -10.16 4.52 16.62
N GLU B 172 -11.41 4.72 16.20
CA GLU B 172 -11.89 4.17 14.94
C GLU B 172 -12.06 5.22 13.84
N SER B 173 -12.03 6.51 14.18
CA SER B 173 -12.12 7.59 13.20
C SER B 173 -10.73 8.19 12.99
N GLY B 174 -10.30 8.26 11.73
CA GLY B 174 -8.92 8.60 11.43
C GLY B 174 -8.52 9.96 11.96
N GLY B 175 -7.21 10.13 12.10
CA GLY B 175 -6.68 11.42 12.51
C GLY B 175 -6.35 12.33 11.34
N VAL B 176 -5.27 13.09 11.48
CA VAL B 176 -4.82 14.05 10.47
C VAL B 176 -3.92 13.33 9.48
N ALA B 177 -4.26 13.41 8.19
CA ALA B 177 -3.52 12.70 7.15
C ALA B 177 -2.45 13.61 6.57
N ILE B 178 -1.19 13.24 6.75
CA ILE B 178 -0.09 14.06 6.29
C ILE B 178 0.57 13.32 5.13
N ASP B 179 0.35 13.82 3.91
CA ASP B 179 0.79 13.16 2.68
C ASP B 179 2.21 13.64 2.37
N ASN B 180 3.18 13.01 3.05
CA ASN B 180 4.59 13.33 2.84
C ASN B 180 5.38 12.07 3.18
N LYS B 181 5.85 11.35 2.16
CA LYS B 181 6.57 10.11 2.43
C LYS B 181 7.83 10.32 3.26
N PRO B 182 8.64 11.36 3.06
CA PRO B 182 9.79 11.57 3.95
C PRO B 182 9.43 11.62 5.41
N LEU B 183 8.38 12.36 5.77
CA LEU B 183 8.01 12.43 7.18
C LEU B 183 7.44 11.10 7.64
N CYS B 184 6.57 10.50 6.81
CA CYS B 184 6.00 9.21 7.13
C CYS B 184 7.08 8.19 7.52
N GLU B 185 8.14 8.08 6.70
CA GLU B 185 9.20 7.12 6.97
C GLU B 185 10.11 7.59 8.10
N ALA B 186 10.36 8.89 8.18
CA ALA B 186 11.26 9.40 9.22
C ALA B 186 10.70 9.15 10.63
N VAL B 187 9.38 9.19 10.81
CA VAL B 187 8.82 8.88 12.13
C VAL B 187 9.12 7.44 12.50
N LEU B 188 8.95 6.50 11.56
CA LEU B 188 9.26 5.11 11.87
C LEU B 188 10.76 4.88 11.97
N GLU B 189 11.52 5.51 11.07
CA GLU B 189 12.97 5.39 11.09
C GLU B 189 13.56 5.87 12.41
N SER B 190 12.98 6.92 12.98
CA SER B 190 13.54 7.44 14.24
C SER B 190 13.42 6.43 15.36
N ILE B 191 12.52 5.45 15.24
CA ILE B 191 12.33 4.44 16.28
C ILE B 191 13.20 3.20 16.01
N ILE B 192 13.16 2.66 14.79
CA ILE B 192 13.79 1.38 14.49
C ILE B 192 14.99 1.49 13.57
N GLY B 193 15.42 2.70 13.22
CA GLY B 193 16.53 2.87 12.32
C GLY B 193 17.88 2.79 13.05
N GLU B 194 18.95 2.87 12.27
CA GLU B 194 20.30 2.70 12.82
C GLU B 194 20.50 3.53 14.09
N HIS B 195 20.07 4.78 14.06
CA HIS B 195 20.11 5.61 15.27
C HIS B 195 18.77 5.63 16.01
N GLY B 196 17.92 4.63 15.76
CA GLY B 196 16.60 4.54 16.36
C GLY B 196 16.57 4.69 17.87
N VAL B 197 15.53 5.36 18.37
CA VAL B 197 15.44 5.66 19.80
C VAL B 197 14.97 4.48 20.64
N SER B 198 14.59 3.35 20.04
CA SER B 198 14.19 2.16 20.80
C SER B 198 14.98 0.92 20.36
N PRO B 199 16.19 0.74 20.89
CA PRO B 199 16.87 -0.55 20.66
C PRO B 199 16.08 -1.74 21.19
N ALA B 200 15.24 -1.56 22.22
CA ALA B 200 14.42 -2.67 22.72
C ALA B 200 13.37 -3.10 21.70
N ALA B 201 12.66 -2.13 21.11
CA ALA B 201 11.70 -2.47 20.06
C ALA B 201 12.38 -3.15 18.89
N LYS B 202 13.57 -2.67 18.51
CA LYS B 202 14.29 -3.27 17.38
C LYS B 202 14.58 -4.74 17.63
N LEU B 203 14.95 -5.10 18.87
CA LEU B 203 15.22 -6.51 19.16
C LEU B 203 13.93 -7.32 19.19
N SER B 204 12.85 -6.73 19.72
CA SER B 204 11.55 -7.38 19.73
C SER B 204 11.08 -7.67 18.30
N VAL B 205 11.18 -6.70 17.41
CA VAL B 205 10.75 -6.90 16.03
C VAL B 205 11.58 -7.98 15.35
N ALA B 206 12.91 -7.85 15.40
CA ALA B 206 13.77 -8.83 14.73
C ALA B 206 13.53 -10.24 15.24
N ALA B 207 13.17 -10.38 16.53
CA ALA B 207 12.95 -11.70 17.09
C ALA B 207 11.59 -12.28 16.67
N ARG B 208 10.53 -11.47 16.76
CA ARG B 208 9.21 -11.99 16.46
C ARG B 208 9.02 -12.15 14.95
N VAL B 209 9.71 -11.36 14.14
CA VAL B 209 9.55 -11.45 12.69
C VAL B 209 10.31 -12.65 12.13
N SER B 210 11.55 -12.86 12.58
CA SER B 210 12.30 -14.02 12.11
C SER B 210 11.56 -15.32 12.37
N GLU B 211 10.66 -15.35 13.35
CA GLU B 211 9.96 -16.58 13.72
C GLU B 211 8.70 -16.81 12.87
N LEU B 212 7.85 -15.80 12.70
CA LEU B 212 6.71 -16.01 11.81
C LEU B 212 7.13 -16.08 10.35
N LEU B 213 8.39 -15.75 10.04
CA LEU B 213 8.92 -16.04 8.70
C LEU B 213 9.18 -17.52 8.51
N LYS B 214 9.06 -18.33 9.57
CA LYS B 214 9.12 -19.78 9.47
C LYS B 214 7.78 -20.36 9.04
N GLU B 215 6.68 -19.68 9.33
CA GLU B 215 5.36 -20.12 8.88
C GLU B 215 5.28 -20.07 7.36
#